data_6L76
#
_entry.id   6L76
#
_cell.length_a   64.718
_cell.length_b   64.718
_cell.length_c   246.578
_cell.angle_alpha   90.000
_cell.angle_beta   90.000
_cell.angle_gamma   120.000
#
_symmetry.space_group_name_H-M   'P 65 2 2'
#
loop_
_entity.id
_entity.type
_entity.pdbx_description
1 polymer "DNA (5'-D(*TP*TP*GP*GP*GP*CP*CP*GP*AP*A)-3')"
2 polymer "DNA (5'-D(*TP*TP*CP*GP*GP*CP*CP*CP*AP*A)-3')"
3 branched '2,6-dideoxy-4-O-methyl-alpha-D-galactopyranose-(1-3)-(2R,3R,6R)-6-hydroxy-2-methyltetrahydro-2H-pyran-3-yl acetate'
4 branched 3-C-methyl-4-O-acetyl-alpha-L-Olivopyranose-(1-3)-(2R,5S,6R)-6-methyltetrahydro-2H-pyran-2,5-diol-(1-3)-(2R,5S,6R)-6-methyltetrahydro-2H-pyran-2,5-diol
5 non-polymer (1S)-5-deoxy-1-O-methyl-1-C-[(2R,3S)-3,5,7,10-tetrahydroxy-6-methyl-4-oxo-1,2,3,4-tetrahydroanthracen-2-yl]-D-xylulose
6 non-polymer 'NICKEL (II) ION'
7 water water
#
loop_
_entity_poly.entity_id
_entity_poly.type
_entity_poly.pdbx_seq_one_letter_code
_entity_poly.pdbx_strand_id
1 'polydeoxyribonucleotide' (DT)(DT)(DG)(DG)(DG)(DC)(DC)(DG)(DA)(DA) A,D
2 'polydeoxyribonucleotide' (DT)(DT)(DC)(DG)(DG)(DC)(DC)(DC)(DA)(DA) B,C
#